data_2LS2
#
_entry.id   2LS2
#
_entity_poly.entity_id   1
_entity_poly.type   'polypeptide(L)'
_entity_poly.pdbx_seq_one_letter_code
;KNTAGEMAGAFVAVFLLAMFYEGLK
;
_entity_poly.pdbx_strand_id   A
#
# COMPACT_ATOMS: atom_id res chain seq x y z
N LYS A 1 20.18 -4.14 11.19
CA LYS A 1 18.96 -4.61 10.57
C LYS A 1 18.32 -3.46 9.78
N ASN A 2 18.47 -3.53 8.46
CA ASN A 2 17.92 -2.51 7.59
C ASN A 2 17.00 -3.16 6.56
N THR A 3 15.83 -3.56 7.04
CA THR A 3 14.85 -4.20 6.18
C THR A 3 13.43 -3.90 6.67
N ALA A 4 12.93 -2.75 6.28
CA ALA A 4 11.59 -2.34 6.68
C ALA A 4 10.68 -2.30 5.45
N GLY A 5 11.28 -1.96 4.31
CA GLY A 5 10.55 -1.90 3.07
C GLY A 5 9.66 -3.13 2.89
N GLU A 6 10.14 -4.25 3.43
CA GLU A 6 9.40 -5.49 3.33
C GLU A 6 7.98 -5.32 3.87
N MET A 7 7.80 -4.26 4.65
CA MET A 7 6.50 -3.97 5.23
C MET A 7 5.78 -2.89 4.43
N ALA A 8 6.24 -1.66 4.59
CA ALA A 8 5.65 -0.53 3.88
C ALA A 8 5.62 -0.83 2.38
N GLY A 9 6.47 -1.76 1.99
CA GLY A 9 6.56 -2.15 0.59
C GLY A 9 5.28 -2.88 0.14
N ALA A 10 4.70 -3.61 1.07
CA ALA A 10 3.49 -4.36 0.79
C ALA A 10 2.28 -3.52 1.18
N PHE A 11 2.53 -2.53 2.03
CA PHE A 11 1.47 -1.65 2.49
C PHE A 11 1.09 -0.64 1.40
N VAL A 12 2.10 -0.18 0.69
CA VAL A 12 1.89 0.79 -0.38
C VAL A 12 0.70 0.34 -1.23
N ALA A 13 0.61 -0.96 -1.43
CA ALA A 13 -0.47 -1.52 -2.22
C ALA A 13 -1.78 -1.42 -1.43
N VAL A 14 -1.76 -2.00 -0.24
CA VAL A 14 -2.94 -1.97 0.61
C VAL A 14 -3.48 -0.53 0.70
N PHE A 15 -2.59 0.41 0.43
CA PHE A 15 -2.95 1.81 0.47
C PHE A 15 -3.53 2.27 -0.87
N LEU A 16 -2.77 1.99 -1.91
CA LEU A 16 -3.19 2.37 -3.26
C LEU A 16 -4.47 1.62 -3.62
N LEU A 17 -4.43 0.31 -3.41
CA LEU A 17 -5.58 -0.52 -3.70
C LEU A 17 -6.80 -0.01 -2.93
N ALA A 18 -6.53 0.60 -1.79
CA ALA A 18 -7.58 1.14 -0.96
C ALA A 18 -8.14 2.41 -1.61
N MET A 19 -7.24 3.19 -2.18
CA MET A 19 -7.63 4.43 -2.84
C MET A 19 -8.13 4.16 -4.25
N PHE A 20 -8.12 2.88 -4.62
CA PHE A 20 -8.57 2.48 -5.95
C PHE A 20 -10.06 2.15 -5.94
N TYR A 21 -10.55 1.80 -4.76
CA TYR A 21 -11.96 1.46 -4.60
C TYR A 21 -12.86 2.55 -5.20
N GLU A 22 -12.87 3.70 -4.53
CA GLU A 22 -13.68 4.82 -4.98
C GLU A 22 -12.91 6.13 -4.79
N GLY A 23 -11.62 5.99 -4.56
CA GLY A 23 -10.77 7.15 -4.36
C GLY A 23 -10.79 8.07 -5.58
N LEU A 24 -10.45 7.49 -6.73
CA LEU A 24 -10.42 8.24 -7.96
C LEU A 24 -11.67 9.13 -8.04
N LYS A 25 -12.82 8.51 -7.83
CA LYS A 25 -14.08 9.23 -7.87
C LYS A 25 -13.94 10.54 -7.08
N LYS A 1 17.54 -1.65 12.60
CA LYS A 1 16.22 -1.88 12.03
C LYS A 1 16.31 -2.98 10.97
N ASN A 2 16.52 -2.54 9.73
CA ASN A 2 16.63 -3.47 8.61
C ASN A 2 15.23 -3.97 8.25
N THR A 3 15.11 -4.40 7.00
CA THR A 3 13.83 -4.91 6.51
C THR A 3 12.69 -3.97 6.91
N ALA A 4 12.66 -2.82 6.26
CA ALA A 4 11.62 -1.83 6.55
C ALA A 4 10.64 -1.77 5.37
N GLY A 5 11.17 -2.03 4.18
CA GLY A 5 10.36 -2.01 2.98
C GLY A 5 9.50 -3.27 2.87
N GLU A 6 10.03 -4.35 3.42
CA GLU A 6 9.33 -5.62 3.39
C GLU A 6 7.93 -5.47 4.00
N MET A 7 7.77 -4.41 4.76
CA MET A 7 6.49 -4.13 5.40
C MET A 7 5.70 -3.07 4.63
N ALA A 8 6.19 -1.84 4.72
CA ALA A 8 5.54 -0.73 4.04
C ALA A 8 5.44 -1.04 2.55
N GLY A 9 6.25 -1.98 2.11
CA GLY A 9 6.27 -2.39 0.72
C GLY A 9 4.92 -2.99 0.31
N ALA A 10 4.26 -3.59 1.29
CA ALA A 10 2.97 -4.21 1.05
C ALA A 10 1.85 -3.18 1.29
N PHE A 11 2.22 -2.13 2.01
CA PHE A 11 1.27 -1.07 2.32
C PHE A 11 1.01 -0.19 1.10
N VAL A 12 2.09 0.15 0.41
CA VAL A 12 1.99 0.98 -0.78
C VAL A 12 0.78 0.53 -1.61
N ALA A 13 0.60 -0.78 -1.66
CA ALA A 13 -0.50 -1.36 -2.42
C ALA A 13 -1.79 -1.23 -1.59
N VAL A 14 -1.70 -1.70 -0.36
CA VAL A 14 -2.85 -1.65 0.54
C VAL A 14 -3.37 -0.22 0.63
N PHE A 15 -2.50 0.72 0.24
CA PHE A 15 -2.85 2.12 0.27
C PHE A 15 -3.42 2.58 -1.07
N LEU A 16 -2.82 2.07 -2.14
CA LEU A 16 -3.25 2.40 -3.49
C LEU A 16 -4.54 1.67 -3.80
N LEU A 17 -4.54 0.38 -3.49
CA LEU A 17 -5.70 -0.46 -3.74
C LEU A 17 -6.90 0.11 -2.98
N ALA A 18 -6.60 0.78 -1.87
CA ALA A 18 -7.64 1.38 -1.05
C ALA A 18 -8.16 2.64 -1.74
N MET A 19 -7.23 3.38 -2.34
CA MET A 19 -7.59 4.61 -3.02
C MET A 19 -8.03 4.32 -4.46
N PHE A 20 -8.02 3.05 -4.81
CA PHE A 20 -8.40 2.63 -6.15
C PHE A 20 -9.88 2.22 -6.18
N TYR A 21 -10.23 1.34 -5.27
CA TYR A 21 -11.61 0.86 -5.19
C TYR A 21 -12.55 1.98 -4.75
N GLU A 22 -12.08 2.77 -3.79
CA GLU A 22 -12.86 3.87 -3.27
C GLU A 22 -12.99 4.97 -4.32
N GLY A 23 -11.86 5.31 -4.92
CA GLY A 23 -11.82 6.34 -5.93
C GLY A 23 -13.01 6.21 -6.90
N LEU A 24 -13.12 5.02 -7.48
CA LEU A 24 -14.20 4.75 -8.40
C LEU A 24 -15.49 5.37 -7.88
N LYS A 25 -16.34 5.79 -8.81
CA LYS A 25 -17.61 6.40 -8.46
C LYS A 25 -17.41 7.33 -7.27
N LYS A 1 18.28 0.25 8.52
CA LYS A 1 17.04 -0.18 7.92
C LYS A 1 17.01 -1.70 7.83
N ASN A 2 16.43 -2.31 8.86
CA ASN A 2 16.34 -3.76 8.92
C ASN A 2 14.94 -4.19 8.48
N THR A 3 14.87 -4.77 7.29
CA THR A 3 13.60 -5.23 6.76
C THR A 3 12.49 -4.25 7.11
N ALA A 4 12.56 -3.07 6.50
CA ALA A 4 11.57 -2.04 6.73
C ALA A 4 10.66 -1.92 5.51
N GLY A 5 11.25 -2.17 4.35
CA GLY A 5 10.51 -2.09 3.10
C GLY A 5 9.62 -3.32 2.91
N GLU A 6 10.11 -4.44 3.42
CA GLU A 6 9.38 -5.69 3.32
C GLU A 6 7.98 -5.54 3.92
N MET A 7 7.83 -4.50 4.73
CA MET A 7 6.56 -4.23 5.38
C MET A 7 5.79 -3.13 4.63
N ALA A 8 6.27 -1.90 4.80
CA ALA A 8 5.63 -0.76 4.14
C ALA A 8 5.55 -1.03 2.64
N GLY A 9 6.39 -1.95 2.18
CA GLY A 9 6.43 -2.29 0.77
C GLY A 9 5.09 -2.90 0.32
N ALA A 10 4.44 -3.55 1.26
CA ALA A 10 3.16 -4.19 0.98
C ALA A 10 2.03 -3.19 1.24
N PHE A 11 2.36 -2.16 2.02
CA PHE A 11 1.40 -1.13 2.36
C PHE A 11 1.12 -0.22 1.15
N VAL A 12 2.20 0.18 0.50
CA VAL A 12 2.10 1.05 -0.65
C VAL A 12 0.92 0.61 -1.51
N ALA A 13 0.79 -0.70 -1.65
CA ALA A 13 -0.29 -1.28 -2.45
C ALA A 13 -1.59 -1.22 -1.65
N VAL A 14 -1.53 -1.76 -0.44
CA VAL A 14 -2.68 -1.79 0.43
C VAL A 14 -3.25 -0.37 0.55
N PHE A 15 -2.41 0.60 0.24
CA PHE A 15 -2.82 1.99 0.30
C PHE A 15 -3.46 2.44 -1.01
N LEU A 16 -2.76 2.15 -2.10
CA LEU A 16 -3.25 2.51 -3.42
C LEU A 16 -4.51 1.71 -3.73
N LEU A 17 -4.40 0.40 -3.53
CA LEU A 17 -5.52 -0.49 -3.80
C LEU A 17 -6.73 -0.03 -2.96
N ALA A 18 -6.42 0.58 -1.83
CA ALA A 18 -7.47 1.06 -0.95
C ALA A 18 -8.11 2.31 -1.56
N MET A 19 -7.27 3.14 -2.16
CA MET A 19 -7.75 4.36 -2.78
C MET A 19 -8.31 4.08 -4.18
N PHE A 20 -8.25 2.80 -4.56
CA PHE A 20 -8.74 2.40 -5.87
C PHE A 20 -10.22 2.00 -5.80
N TYR A 21 -10.64 1.61 -4.61
CA TYR A 21 -12.02 1.21 -4.39
C TYR A 21 -12.98 2.26 -4.93
N GLU A 22 -12.83 3.48 -4.44
CA GLU A 22 -13.67 4.58 -4.86
C GLU A 22 -13.48 4.86 -6.36
N GLY A 23 -12.28 4.53 -6.84
CA GLY A 23 -11.96 4.73 -8.24
C GLY A 23 -13.09 4.21 -9.14
N LEU A 24 -13.74 3.17 -8.67
CA LEU A 24 -14.83 2.57 -9.42
C LEU A 24 -15.90 3.63 -9.71
N LYS A 25 -17.08 3.16 -10.08
CA LYS A 25 -18.18 4.05 -10.37
C LYS A 25 -18.20 5.20 -9.36
N LYS A 1 15.56 0.42 9.20
CA LYS A 1 15.33 -0.83 9.92
C LYS A 1 15.49 -2.01 8.95
N ASN A 2 16.03 -3.10 9.48
CA ASN A 2 16.23 -4.29 8.69
C ASN A 2 14.99 -4.56 7.84
N THR A 3 15.20 -4.60 6.54
CA THR A 3 14.11 -4.85 5.61
C THR A 3 12.84 -4.13 6.07
N ALA A 4 12.93 -2.81 6.10
CA ALA A 4 11.81 -1.99 6.52
C ALA A 4 10.76 -1.95 5.41
N GLY A 5 11.26 -2.00 4.18
CA GLY A 5 10.38 -1.97 3.02
C GLY A 5 9.59 -3.28 2.90
N GLU A 6 10.14 -4.33 3.49
CA GLU A 6 9.51 -5.62 3.46
C GLU A 6 8.11 -5.54 4.07
N MET A 7 7.87 -4.46 4.81
CA MET A 7 6.59 -4.25 5.44
C MET A 7 5.77 -3.20 4.70
N ALA A 8 6.26 -1.96 4.75
CA ALA A 8 5.59 -0.87 4.08
C ALA A 8 5.52 -1.14 2.58
N GLY A 9 6.33 -2.11 2.15
CA GLY A 9 6.36 -2.48 0.75
C GLY A 9 5.01 -3.04 0.30
N ALA A 10 4.31 -3.66 1.25
CA ALA A 10 3.03 -4.25 0.97
C ALA A 10 1.93 -3.21 1.22
N PHE A 11 2.29 -2.19 1.98
CA PHE A 11 1.36 -1.13 2.31
C PHE A 11 1.11 -0.22 1.10
N VAL A 12 2.20 0.13 0.43
CA VAL A 12 2.11 0.98 -0.74
C VAL A 12 0.91 0.56 -1.58
N ALA A 13 0.75 -0.74 -1.72
CA ALA A 13 -0.37 -1.28 -2.49
C ALA A 13 -1.66 -1.16 -1.69
N VAL A 14 -1.61 -1.70 -0.48
CA VAL A 14 -2.77 -1.67 0.41
C VAL A 14 -3.29 -0.23 0.48
N PHE A 15 -2.41 0.70 0.17
CA PHE A 15 -2.76 2.12 0.21
C PHE A 15 -3.44 2.54 -1.09
N LEU A 16 -2.76 2.26 -2.19
CA LEU A 16 -3.29 2.60 -3.51
C LEU A 16 -4.55 1.80 -3.77
N LEU A 17 -4.45 0.49 -3.54
CA LEU A 17 -5.58 -0.40 -3.75
C LEU A 17 -6.74 0.03 -2.84
N ALA A 18 -6.37 0.65 -1.73
CA ALA A 18 -7.36 1.11 -0.78
C ALA A 18 -8.01 2.40 -1.29
N MET A 19 -7.23 3.15 -2.04
CA MET A 19 -7.71 4.40 -2.61
C MET A 19 -8.25 4.20 -4.03
N PHE A 20 -8.18 2.95 -4.48
CA PHE A 20 -8.66 2.60 -5.80
C PHE A 20 -10.13 2.16 -5.76
N TYR A 21 -10.48 1.50 -4.66
CA TYR A 21 -11.84 1.02 -4.48
C TYR A 21 -12.86 2.04 -5.00
N GLU A 22 -12.74 3.25 -4.48
CA GLU A 22 -13.64 4.32 -4.88
C GLU A 22 -13.94 4.23 -6.38
N GLY A 23 -12.96 3.72 -7.12
CA GLY A 23 -13.11 3.57 -8.56
C GLY A 23 -12.71 4.86 -9.29
N LEU A 24 -12.22 5.82 -8.50
CA LEU A 24 -11.80 7.09 -9.05
C LEU A 24 -10.66 6.86 -10.05
N LYS A 25 -9.99 7.94 -10.39
CA LYS A 25 -8.88 7.87 -11.34
C LYS A 25 -9.41 7.54 -12.72
N LYS A 1 19.35 -4.69 5.75
CA LYS A 1 18.42 -3.83 6.47
C LYS A 1 17.18 -4.64 6.85
N ASN A 2 16.77 -4.49 8.10
CA ASN A 2 15.60 -5.20 8.60
C ASN A 2 14.51 -5.19 7.53
N THR A 3 13.62 -6.17 7.62
CA THR A 3 12.53 -6.27 6.67
C THR A 3 11.51 -5.17 6.89
N ALA A 4 11.98 -3.94 6.71
CA ALA A 4 11.11 -2.78 6.89
C ALA A 4 10.34 -2.52 5.59
N GLY A 5 10.96 -2.89 4.48
CA GLY A 5 10.34 -2.71 3.18
C GLY A 5 9.20 -3.70 2.97
N GLU A 6 9.37 -4.88 3.54
CA GLU A 6 8.37 -5.93 3.43
C GLU A 6 7.02 -5.42 3.92
N MET A 7 7.08 -4.35 4.69
CA MET A 7 5.87 -3.75 5.25
C MET A 7 5.42 -2.55 4.42
N ALA A 8 6.19 -1.48 4.51
CA ALA A 8 5.89 -0.26 3.77
C ALA A 8 5.78 -0.59 2.28
N GLY A 9 6.42 -1.68 1.90
CA GLY A 9 6.40 -2.11 0.52
C GLY A 9 5.07 -2.75 0.15
N ALA A 10 4.46 -3.38 1.15
CA ALA A 10 3.18 -4.04 0.95
C ALA A 10 2.05 -3.04 1.24
N PHE A 11 2.40 -2.00 1.97
CA PHE A 11 1.44 -0.97 2.32
C PHE A 11 1.12 -0.07 1.11
N VAL A 12 2.19 0.34 0.44
CA VAL A 12 2.05 1.21 -0.72
C VAL A 12 0.88 0.73 -1.57
N ALA A 13 0.75 -0.59 -1.66
CA ALA A 13 -0.32 -1.19 -2.42
C ALA A 13 -1.61 -1.16 -1.61
N VAL A 14 -1.51 -1.66 -0.39
CA VAL A 14 -2.67 -1.68 0.50
C VAL A 14 -3.25 -0.27 0.63
N PHE A 15 -2.43 0.70 0.26
CA PHE A 15 -2.85 2.10 0.33
C PHE A 15 -3.43 2.55 -1.01
N LEU A 16 -2.78 2.12 -2.08
CA LEU A 16 -3.21 2.47 -3.42
C LEU A 16 -4.47 1.69 -3.76
N LEU A 17 -4.42 0.39 -3.49
CA LEU A 17 -5.56 -0.48 -3.77
C LEU A 17 -6.78 0.04 -3.00
N ALA A 18 -6.52 0.69 -1.88
CA ALA A 18 -7.59 1.22 -1.06
C ALA A 18 -8.14 2.49 -1.72
N MET A 19 -7.23 3.27 -2.29
CA MET A 19 -7.61 4.51 -2.94
C MET A 19 -8.05 4.25 -4.38
N PHE A 20 -8.01 2.98 -4.76
CA PHE A 20 -8.41 2.58 -6.10
C PHE A 20 -9.88 2.14 -6.14
N TYR A 21 -10.20 1.22 -5.24
CA TYR A 21 -11.55 0.70 -5.15
C TYR A 21 -12.51 1.77 -4.62
N GLU A 22 -12.03 2.52 -3.64
CA GLU A 22 -12.84 3.57 -3.04
C GLU A 22 -12.81 4.83 -3.93
N GLY A 23 -12.14 4.69 -5.06
CA GLY A 23 -12.04 5.81 -6.00
C GLY A 23 -13.16 5.77 -7.03
N LEU A 24 -14.10 4.86 -6.79
CA LEU A 24 -15.24 4.71 -7.69
C LEU A 24 -16.51 4.47 -6.86
N LYS A 25 -16.43 3.46 -6.00
CA LYS A 25 -17.55 3.11 -5.16
C LYS A 25 -17.05 2.32 -3.94
N LYS A 1 15.58 -2.53 12.53
CA LYS A 1 14.28 -3.18 12.44
C LYS A 1 14.23 -4.04 11.18
N ASN A 2 14.37 -5.34 11.38
CA ASN A 2 14.34 -6.28 10.27
C ASN A 2 13.01 -6.14 9.53
N THR A 3 13.00 -6.59 8.29
CA THR A 3 11.81 -6.53 7.47
C THR A 3 11.10 -5.19 7.66
N ALA A 4 11.61 -4.19 6.95
CA ALA A 4 11.03 -2.85 7.03
C ALA A 4 10.33 -2.52 5.71
N GLY A 5 10.88 -3.07 4.64
CA GLY A 5 10.32 -2.85 3.32
C GLY A 5 9.13 -3.77 3.05
N GLU A 6 9.24 -4.97 3.58
CA GLU A 6 8.18 -5.97 3.42
C GLU A 6 6.84 -5.39 3.89
N MET A 7 6.94 -4.34 4.68
CA MET A 7 5.73 -3.69 5.20
C MET A 7 5.35 -2.48 4.35
N ALA A 8 6.16 -1.44 4.47
CA ALA A 8 5.93 -0.21 3.72
C ALA A 8 5.81 -0.54 2.24
N GLY A 9 6.46 -1.64 1.85
CA GLY A 9 6.44 -2.08 0.47
C GLY A 9 5.11 -2.73 0.12
N ALA A 10 4.50 -3.35 1.11
CA ALA A 10 3.22 -4.00 0.92
C ALA A 10 2.10 -3.01 1.21
N PHE A 11 2.44 -1.97 1.94
CA PHE A 11 1.47 -0.94 2.29
C PHE A 11 1.17 -0.04 1.09
N VAL A 12 2.23 0.38 0.43
CA VAL A 12 2.09 1.25 -0.74
C VAL A 12 0.91 0.76 -1.59
N ALA A 13 0.78 -0.55 -1.68
CA ALA A 13 -0.29 -1.16 -2.45
C ALA A 13 -1.57 -1.13 -1.63
N VAL A 14 -1.47 -1.62 -0.41
CA VAL A 14 -2.62 -1.66 0.49
C VAL A 14 -3.21 -0.25 0.61
N PHE A 15 -2.39 0.73 0.25
CA PHE A 15 -2.82 2.12 0.32
C PHE A 15 -3.40 2.58 -1.01
N LEU A 16 -2.76 2.13 -2.09
CA LEU A 16 -3.20 2.49 -3.42
C LEU A 16 -4.47 1.70 -3.77
N LEU A 17 -4.41 0.40 -3.49
CA LEU A 17 -5.53 -0.47 -3.77
C LEU A 17 -6.76 0.02 -3.00
N ALA A 18 -6.50 0.68 -1.88
CA ALA A 18 -7.56 1.20 -1.05
C ALA A 18 -8.12 2.47 -1.70
N MET A 19 -7.22 3.26 -2.27
CA MET A 19 -7.61 4.49 -2.93
C MET A 19 -8.08 4.23 -4.36
N PHE A 20 -8.02 2.96 -4.75
CA PHE A 20 -8.42 2.57 -6.08
C PHE A 20 -9.89 2.10 -6.11
N TYR A 21 -10.19 1.18 -5.21
CA TYR A 21 -11.54 0.64 -5.11
C TYR A 21 -12.51 1.70 -4.57
N GLU A 22 -12.03 2.46 -3.59
CA GLU A 22 -12.84 3.50 -2.99
C GLU A 22 -12.82 4.76 -3.86
N GLY A 23 -11.73 4.91 -4.60
CA GLY A 23 -11.57 6.06 -5.48
C GLY A 23 -12.19 5.79 -6.85
N LEU A 24 -13.38 5.20 -6.83
CA LEU A 24 -14.07 4.88 -8.06
C LEU A 24 -14.39 6.17 -8.81
N LYS A 25 -14.91 7.14 -8.07
CA LYS A 25 -15.26 8.44 -8.65
C LYS A 25 -14.15 8.87 -9.62
N LYS A 1 20.65 -0.12 6.72
CA LYS A 1 20.32 -1.52 6.54
C LYS A 1 19.16 -1.90 7.45
N ASN A 2 18.01 -1.31 7.17
CA ASN A 2 16.81 -1.56 7.96
C ASN A 2 15.78 -2.29 7.09
N THR A 3 15.38 -3.46 7.57
CA THR A 3 14.41 -4.26 6.85
C THR A 3 12.99 -3.88 7.27
N ALA A 4 12.61 -2.66 6.94
CA ALA A 4 11.28 -2.17 7.28
C ALA A 4 10.44 -2.08 6.01
N GLY A 5 11.11 -1.79 4.91
CA GLY A 5 10.42 -1.68 3.63
C GLY A 5 9.60 -2.94 3.33
N GLU A 6 10.07 -4.05 3.88
CA GLU A 6 9.38 -5.33 3.68
C GLU A 6 7.92 -5.22 4.11
N MET A 7 7.65 -4.19 4.91
CA MET A 7 6.30 -3.96 5.40
C MET A 7 5.59 -2.87 4.58
N ALA A 8 6.02 -1.65 4.81
CA ALA A 8 5.44 -0.51 4.11
C ALA A 8 5.54 -0.76 2.60
N GLY A 9 6.44 -1.65 2.24
CA GLY A 9 6.66 -1.97 0.83
C GLY A 9 5.44 -2.72 0.26
N ALA A 10 4.81 -3.50 1.12
CA ALA A 10 3.64 -4.27 0.71
C ALA A 10 2.38 -3.47 1.04
N PHE A 11 2.54 -2.52 1.94
CA PHE A 11 1.42 -1.68 2.34
C PHE A 11 1.09 -0.64 1.26
N VAL A 12 2.15 -0.13 0.64
CA VAL A 12 1.99 0.86 -0.40
C VAL A 12 0.89 0.42 -1.37
N ALA A 13 0.85 -0.88 -1.61
CA ALA A 13 -0.14 -1.45 -2.50
C ALA A 13 -1.51 -1.41 -1.83
N VAL A 14 -1.61 -2.09 -0.71
CA VAL A 14 -2.85 -2.14 0.04
C VAL A 14 -3.49 -0.75 0.06
N PHE A 15 -2.64 0.26 -0.04
CA PHE A 15 -3.09 1.63 -0.03
C PHE A 15 -3.58 2.05 -1.43
N LEU A 16 -2.73 1.82 -2.41
CA LEU A 16 -3.06 2.16 -3.79
C LEU A 16 -4.27 1.35 -4.23
N LEU A 17 -4.25 0.06 -3.87
CA LEU A 17 -5.34 -0.82 -4.23
C LEU A 17 -6.58 -0.45 -3.44
N ALA A 18 -6.35 0.19 -2.30
CA ALA A 18 -7.44 0.61 -1.44
C ALA A 18 -7.99 1.95 -1.93
N MET A 19 -7.18 2.62 -2.75
CA MET A 19 -7.57 3.90 -3.29
C MET A 19 -8.67 3.75 -4.35
N PHE A 20 -8.58 2.65 -5.08
CA PHE A 20 -9.56 2.37 -6.13
C PHE A 20 -10.98 2.54 -5.60
N TYR A 21 -11.28 1.82 -4.53
CA TYR A 21 -12.60 1.88 -3.92
C TYR A 21 -13.13 3.33 -3.92
N GLU A 22 -12.28 4.23 -3.46
CA GLU A 22 -12.64 5.63 -3.39
C GLU A 22 -12.57 6.27 -4.78
N GLY A 23 -11.57 5.84 -5.54
CA GLY A 23 -11.38 6.37 -6.88
C GLY A 23 -12.72 6.56 -7.59
N LEU A 24 -13.58 5.56 -7.44
CA LEU A 24 -14.89 5.61 -8.06
C LEU A 24 -15.49 7.00 -7.85
N LYS A 25 -15.66 7.36 -6.59
CA LYS A 25 -16.22 8.66 -6.25
C LYS A 25 -15.79 9.04 -4.83
N LYS A 1 16.38 -10.23 7.41
CA LYS A 1 17.22 -9.09 7.08
C LYS A 1 16.39 -7.81 7.15
N ASN A 2 15.85 -7.55 8.34
CA ASN A 2 15.04 -6.37 8.55
C ASN A 2 13.79 -6.45 7.67
N THR A 3 12.63 -6.33 8.32
CA THR A 3 11.36 -6.40 7.61
C THR A 3 10.67 -5.03 7.64
N ALA A 4 11.36 -4.05 7.06
CA ALA A 4 10.81 -2.70 7.02
C ALA A 4 10.21 -2.45 5.63
N GLY A 5 10.82 -3.05 4.63
CA GLY A 5 10.35 -2.90 3.27
C GLY A 5 9.15 -3.80 3.00
N GLU A 6 9.24 -5.02 3.50
CA GLU A 6 8.17 -5.99 3.32
C GLU A 6 6.84 -5.40 3.82
N MET A 7 6.96 -4.38 4.64
CA MET A 7 5.78 -3.73 5.19
C MET A 7 5.39 -2.50 4.35
N ALA A 8 6.18 -1.45 4.49
CA ALA A 8 5.93 -0.22 3.75
C ALA A 8 5.80 -0.55 2.26
N GLY A 9 6.48 -1.62 1.87
CA GLY A 9 6.45 -2.04 0.48
C GLY A 9 5.11 -2.69 0.13
N ALA A 10 4.50 -3.32 1.12
CA ALA A 10 3.23 -3.98 0.94
C ALA A 10 2.10 -2.98 1.23
N PHE A 11 2.45 -1.93 1.96
CA PHE A 11 1.48 -0.90 2.31
C PHE A 11 1.17 -0.01 1.10
N VAL A 12 2.23 0.42 0.43
CA VAL A 12 2.08 1.27 -0.74
C VAL A 12 0.90 0.77 -1.57
N ALA A 13 0.78 -0.54 -1.65
CA ALA A 13 -0.30 -1.14 -2.42
C ALA A 13 -1.59 -1.11 -1.59
N VAL A 14 -1.48 -1.60 -0.37
CA VAL A 14 -2.61 -1.64 0.53
C VAL A 14 -3.21 -0.23 0.65
N PHE A 15 -2.39 0.75 0.29
CA PHE A 15 -2.83 2.14 0.35
C PHE A 15 -3.41 2.58 -0.99
N LEU A 16 -2.78 2.14 -2.07
CA LEU A 16 -3.23 2.49 -3.39
C LEU A 16 -4.49 1.68 -3.73
N LEU A 17 -4.43 0.40 -3.44
CA LEU A 17 -5.56 -0.49 -3.70
C LEU A 17 -6.78 0.02 -2.94
N ALA A 18 -6.51 0.67 -1.82
CA ALA A 18 -7.57 1.21 -0.99
C ALA A 18 -8.15 2.47 -1.65
N MET A 19 -7.26 3.26 -2.22
CA MET A 19 -7.65 4.48 -2.88
C MET A 19 -8.07 4.22 -4.33
N PHE A 20 -8.00 2.94 -4.70
CA PHE A 20 -8.36 2.54 -6.05
C PHE A 20 -9.82 2.08 -6.11
N TYR A 21 -10.14 1.15 -5.22
CA TYR A 21 -11.50 0.62 -5.16
C TYR A 21 -12.49 1.68 -4.70
N GLU A 22 -12.06 2.47 -3.73
CA GLU A 22 -12.90 3.53 -3.19
C GLU A 22 -13.30 4.51 -4.30
N GLY A 23 -12.30 4.89 -5.09
CA GLY A 23 -12.53 5.81 -6.19
C GLY A 23 -13.86 5.51 -6.89
N LEU A 24 -13.99 4.28 -7.35
CA LEU A 24 -15.21 3.86 -8.03
C LEU A 24 -15.36 4.66 -9.32
N LYS A 25 -15.86 5.89 -9.16
CA LYS A 25 -16.06 6.77 -10.30
C LYS A 25 -14.71 7.13 -10.91
N LYS A 1 17.25 -7.91 9.92
CA LYS A 1 17.84 -6.72 10.50
C LYS A 1 17.12 -5.48 9.96
N ASN A 2 17.62 -4.99 8.85
CA ASN A 2 17.03 -3.81 8.22
C ASN A 2 16.01 -4.24 7.18
N THR A 3 14.75 -4.20 7.58
CA THR A 3 13.66 -4.59 6.70
C THR A 3 12.39 -3.81 7.05
N ALA A 4 12.48 -2.50 6.92
CA ALA A 4 11.34 -1.63 7.21
C ALA A 4 10.45 -1.54 5.97
N GLY A 5 11.07 -1.72 4.81
CA GLY A 5 10.34 -1.65 3.56
C GLY A 5 9.60 -2.96 3.29
N GLU A 6 10.16 -4.05 3.80
CA GLU A 6 9.57 -5.36 3.63
C GLU A 6 8.13 -5.37 4.14
N MET A 7 7.82 -4.36 4.95
CA MET A 7 6.49 -4.23 5.51
C MET A 7 5.67 -3.17 4.76
N ALA A 8 6.06 -1.92 4.97
CA ALA A 8 5.39 -0.81 4.33
C ALA A 8 5.43 -1.00 2.81
N GLY A 9 6.34 -1.87 2.38
CA GLY A 9 6.49 -2.14 0.96
C GLY A 9 5.23 -2.79 0.39
N ALA A 10 4.53 -3.52 1.26
CA ALA A 10 3.31 -4.19 0.85
C ALA A 10 2.12 -3.26 1.09
N PHE A 11 2.34 -2.27 1.93
CA PHE A 11 1.30 -1.31 2.26
C PHE A 11 1.06 -0.36 1.08
N VAL A 12 2.14 0.13 0.52
CA VAL A 12 2.06 1.04 -0.61
C VAL A 12 0.95 0.58 -1.55
N ALA A 13 0.93 -0.72 -1.79
CA ALA A 13 -0.06 -1.30 -2.68
C ALA A 13 -1.42 -1.32 -1.97
N VAL A 14 -1.43 -1.94 -0.79
CA VAL A 14 -2.65 -2.03 -0.01
C VAL A 14 -3.32 -0.66 0.05
N PHE A 15 -2.50 0.38 -0.14
CA PHE A 15 -2.99 1.74 -0.11
C PHE A 15 -3.50 2.17 -1.48
N LEU A 16 -2.69 1.89 -2.49
CA LEU A 16 -3.04 2.24 -3.85
C LEU A 16 -4.25 1.40 -4.29
N LEU A 17 -4.22 0.13 -3.92
CA LEU A 17 -5.29 -0.78 -4.27
C LEU A 17 -6.53 -0.45 -3.43
N ALA A 18 -6.28 0.21 -2.31
CA ALA A 18 -7.36 0.59 -1.42
C ALA A 18 -7.95 1.92 -1.87
N MET A 19 -7.19 2.61 -2.71
CA MET A 19 -7.63 3.90 -3.23
C MET A 19 -8.74 3.72 -4.27
N PHE A 20 -8.67 2.60 -4.98
CA PHE A 20 -9.66 2.31 -6.00
C PHE A 20 -11.07 2.44 -5.44
N TYR A 21 -11.32 1.71 -4.36
CA TYR A 21 -12.63 1.74 -3.73
C TYR A 21 -13.19 3.16 -3.70
N GLU A 22 -12.28 4.12 -3.64
CA GLU A 22 -12.68 5.52 -3.61
C GLU A 22 -12.50 6.16 -4.98
N GLY A 23 -11.27 6.14 -5.46
CA GLY A 23 -10.95 6.70 -6.76
C GLY A 23 -11.65 8.06 -6.95
N LEU A 24 -11.91 8.70 -5.83
CA LEU A 24 -12.58 10.01 -5.85
C LEU A 24 -11.52 11.11 -5.83
N LYS A 25 -12.00 12.35 -5.82
CA LYS A 25 -11.11 13.50 -5.79
C LYS A 25 -9.95 13.22 -4.83
N LYS A 1 20.53 0.29 4.70
CA LYS A 1 19.77 -0.93 4.88
C LYS A 1 18.35 -0.59 5.32
N ASN A 2 18.13 -0.68 6.63
CA ASN A 2 16.83 -0.39 7.19
C ASN A 2 15.79 -1.34 6.60
N THR A 3 15.58 -2.45 7.30
CA THR A 3 14.62 -3.44 6.85
C THR A 3 13.21 -3.08 7.32
N ALA A 4 12.77 -1.91 6.85
CA ALA A 4 11.45 -1.42 7.21
C ALA A 4 10.62 -1.21 5.93
N GLY A 5 11.06 -1.88 4.88
CA GLY A 5 10.38 -1.78 3.60
C GLY A 5 9.57 -3.05 3.31
N GLU A 6 10.09 -4.17 3.80
CA GLU A 6 9.42 -5.45 3.60
C GLU A 6 7.98 -5.38 4.10
N MET A 7 7.72 -4.39 4.94
CA MET A 7 6.39 -4.20 5.50
C MET A 7 5.63 -3.11 4.74
N ALA A 8 6.03 -1.87 4.99
CA ALA A 8 5.40 -0.74 4.34
C ALA A 8 5.43 -0.95 2.83
N GLY A 9 6.35 -1.80 2.40
CA GLY A 9 6.49 -2.09 0.97
C GLY A 9 5.22 -2.75 0.42
N ALA A 10 4.54 -3.47 1.30
CA ALA A 10 3.32 -4.15 0.90
C ALA A 10 2.12 -3.22 1.12
N PHE A 11 2.34 -2.22 1.96
CA PHE A 11 1.31 -1.25 2.26
C PHE A 11 1.07 -0.31 1.08
N VAL A 12 2.16 0.18 0.51
CA VAL A 12 2.08 1.09 -0.62
C VAL A 12 0.98 0.61 -1.57
N ALA A 13 0.96 -0.69 -1.79
CA ALA A 13 -0.03 -1.29 -2.67
C ALA A 13 -1.39 -1.30 -1.97
N VAL A 14 -1.42 -1.91 -0.79
CA VAL A 14 -2.63 -1.99 -0.02
C VAL A 14 -3.30 -0.62 0.03
N PHE A 15 -2.49 0.40 -0.16
CA PHE A 15 -2.99 1.77 -0.14
C PHE A 15 -3.48 2.18 -1.53
N LEU A 16 -2.67 1.90 -2.53
CA LEU A 16 -3.02 2.24 -3.90
C LEU A 16 -4.21 1.40 -4.34
N LEU A 17 -4.18 0.13 -3.96
CA LEU A 17 -5.25 -0.80 -4.31
C LEU A 17 -6.49 -0.46 -3.48
N ALA A 18 -6.25 0.21 -2.36
CA ALA A 18 -7.34 0.59 -1.48
C ALA A 18 -7.94 1.92 -1.96
N MET A 19 -7.17 2.61 -2.79
CA MET A 19 -7.61 3.89 -3.32
C MET A 19 -8.71 3.70 -4.36
N PHE A 20 -8.63 2.58 -5.07
CA PHE A 20 -9.61 2.27 -6.09
C PHE A 20 -11.04 2.40 -5.54
N TYR A 21 -11.29 1.68 -4.45
CA TYR A 21 -12.59 1.71 -3.83
C TYR A 21 -13.17 3.13 -3.81
N GLU A 22 -12.36 4.05 -3.29
CA GLU A 22 -12.77 5.44 -3.21
C GLU A 22 -13.23 5.94 -4.58
N GLY A 23 -12.31 5.86 -5.54
CA GLY A 23 -12.60 6.30 -6.89
C GLY A 23 -13.14 5.15 -7.74
N LEU A 24 -14.10 4.43 -7.17
CA LEU A 24 -14.70 3.30 -7.87
C LEU A 24 -15.38 3.80 -9.14
N LYS A 25 -16.40 4.62 -8.96
CA LYS A 25 -17.14 5.16 -10.08
C LYS A 25 -16.49 6.47 -10.52
N LYS A 1 22.12 -0.07 6.05
CA LYS A 1 21.10 -1.08 5.79
C LYS A 1 19.86 -0.76 6.62
N ASN A 2 18.72 -1.21 6.12
CA ASN A 2 17.46 -0.98 6.79
C ASN A 2 16.36 -1.78 6.09
N THR A 3 15.87 -2.80 6.78
CA THR A 3 14.82 -3.64 6.23
C THR A 3 13.46 -3.22 6.78
N ALA A 4 12.99 -2.07 6.30
CA ALA A 4 11.70 -1.55 6.74
C ALA A 4 10.72 -1.60 5.58
N GLY A 5 11.25 -1.42 4.37
CA GLY A 5 10.42 -1.45 3.18
C GLY A 5 9.82 -2.84 2.97
N GLU A 6 10.54 -3.84 3.43
CA GLU A 6 10.08 -5.22 3.30
C GLU A 6 8.66 -5.35 3.83
N MET A 7 8.28 -4.40 4.67
CA MET A 7 6.94 -4.40 5.25
C MET A 7 6.03 -3.42 4.53
N ALA A 8 6.30 -2.13 4.74
CA ALA A 8 5.52 -1.09 4.12
C ALA A 8 5.43 -1.35 2.61
N GLY A 9 6.39 -2.12 2.12
CA GLY A 9 6.44 -2.44 0.71
C GLY A 9 5.13 -3.11 0.26
N ALA A 10 4.49 -3.78 1.20
CA ALA A 10 3.23 -4.46 0.93
C ALA A 10 2.07 -3.53 1.27
N PHE A 11 2.38 -2.52 2.07
CA PHE A 11 1.37 -1.56 2.48
C PHE A 11 1.07 -0.57 1.36
N VAL A 12 2.11 -0.20 0.64
CA VAL A 12 1.98 0.74 -0.46
C VAL A 12 0.77 0.34 -1.32
N ALA A 13 0.61 -0.97 -1.48
CA ALA A 13 -0.49 -1.49 -2.28
C ALA A 13 -1.79 -1.36 -1.47
N VAL A 14 -1.75 -1.87 -0.25
CA VAL A 14 -2.91 -1.82 0.61
C VAL A 14 -3.44 -0.38 0.67
N PHE A 15 -2.58 0.56 0.33
CA PHE A 15 -2.94 1.95 0.32
C PHE A 15 -3.55 2.36 -1.02
N LEU A 16 -2.82 2.05 -2.08
CA LEU A 16 -3.27 2.37 -3.42
C LEU A 16 -4.57 1.62 -3.72
N LEU A 17 -4.54 0.32 -3.44
CA LEU A 17 -5.71 -0.51 -3.67
C LEU A 17 -6.90 0.05 -2.90
N ALA A 18 -6.58 0.70 -1.79
CA ALA A 18 -7.60 1.29 -0.95
C ALA A 18 -8.18 2.53 -1.64
N MET A 19 -7.28 3.29 -2.27
CA MET A 19 -7.67 4.50 -2.97
C MET A 19 -8.22 4.18 -4.36
N PHE A 20 -8.23 2.88 -4.67
CA PHE A 20 -8.73 2.43 -5.96
C PHE A 20 -10.22 2.12 -5.90
N TYR A 21 -10.68 1.82 -4.70
CA TYR A 21 -12.09 1.50 -4.49
C TYR A 21 -12.99 2.56 -5.11
N GLU A 22 -12.85 3.78 -4.61
CA GLU A 22 -13.64 4.90 -5.11
C GLU A 22 -13.19 5.27 -6.52
N GLY A 23 -11.98 4.87 -6.85
CA GLY A 23 -11.43 5.14 -8.16
C GLY A 23 -11.75 4.03 -9.15
N LEU A 24 -12.95 3.48 -9.01
CA LEU A 24 -13.39 2.40 -9.88
C LEU A 24 -14.89 2.57 -10.17
N LYS A 25 -15.34 1.87 -11.19
CA LYS A 25 -16.74 1.93 -11.58
C LYS A 25 -17.22 3.38 -11.51
N LYS A 1 16.92 -3.56 11.03
CA LYS A 1 17.23 -2.14 11.09
C LYS A 1 17.19 -1.56 9.67
N ASN A 2 17.54 -2.41 8.71
CA ASN A 2 17.56 -2.00 7.32
C ASN A 2 16.45 -2.75 6.56
N THR A 3 15.50 -3.25 7.32
CA THR A 3 14.40 -4.00 6.73
C THR A 3 13.06 -3.46 7.26
N ALA A 4 12.69 -2.28 6.77
CA ALA A 4 11.46 -1.65 7.18
C ALA A 4 10.48 -1.64 5.99
N GLY A 5 11.05 -1.52 4.80
CA GLY A 5 10.25 -1.49 3.59
C GLY A 5 9.58 -2.85 3.34
N GLU A 6 10.18 -3.88 3.92
CA GLU A 6 9.67 -5.22 3.76
C GLU A 6 8.23 -5.30 4.26
N MET A 7 7.84 -4.29 5.03
CA MET A 7 6.50 -4.22 5.57
C MET A 7 5.65 -3.19 4.83
N ALA A 8 6.03 -1.93 4.97
CA ALA A 8 5.32 -0.85 4.32
C ALA A 8 5.38 -1.05 2.81
N GLY A 9 6.30 -1.90 2.39
CA GLY A 9 6.47 -2.20 0.98
C GLY A 9 5.21 -2.85 0.40
N ALA A 10 4.51 -3.57 1.25
CA ALA A 10 3.29 -4.25 0.83
C ALA A 10 2.10 -3.32 1.06
N PHE A 11 2.31 -2.31 1.91
CA PHE A 11 1.27 -1.36 2.21
C PHE A 11 1.03 -0.41 1.03
N VAL A 12 2.13 0.07 0.47
CA VAL A 12 2.05 0.98 -0.66
C VAL A 12 0.94 0.52 -1.61
N ALA A 13 0.92 -0.79 -1.83
CA ALA A 13 -0.08 -1.37 -2.72
C ALA A 13 -1.44 -1.38 -2.01
N VAL A 14 -1.47 -1.99 -0.85
CA VAL A 14 -2.69 -2.06 -0.07
C VAL A 14 -3.34 -0.69 -0.01
N PHE A 15 -2.52 0.33 -0.19
CA PHE A 15 -3.01 1.70 -0.17
C PHE A 15 -3.50 2.13 -1.55
N LEU A 16 -2.70 1.84 -2.55
CA LEU A 16 -3.04 2.19 -3.92
C LEU A 16 -4.25 1.36 -4.37
N LEU A 17 -4.22 0.08 -3.99
CA LEU A 17 -5.30 -0.82 -4.34
C LEU A 17 -6.54 -0.48 -3.51
N ALA A 18 -6.29 0.18 -2.39
CA ALA A 18 -7.38 0.57 -1.50
C ALA A 18 -7.95 1.91 -1.97
N MET A 19 -7.18 2.59 -2.80
CA MET A 19 -7.59 3.88 -3.32
C MET A 19 -8.70 3.72 -4.36
N PHE A 20 -8.64 2.60 -5.07
CA PHE A 20 -9.63 2.32 -6.10
C PHE A 20 -11.04 2.48 -5.56
N TYR A 21 -11.30 1.81 -4.44
CA TYR A 21 -12.61 1.88 -3.82
C TYR A 21 -13.10 3.31 -3.71
N GLU A 22 -12.23 4.17 -3.22
CA GLU A 22 -12.56 5.58 -3.07
C GLU A 22 -12.24 6.33 -4.36
N GLY A 23 -12.05 5.58 -5.43
CA GLY A 23 -11.74 6.16 -6.72
C GLY A 23 -12.96 6.11 -7.65
N LEU A 24 -13.63 4.97 -7.62
CA LEU A 24 -14.81 4.77 -8.46
C LEU A 24 -15.73 5.98 -8.30
N LYS A 25 -16.78 5.99 -9.12
CA LYS A 25 -17.74 7.08 -9.08
C LYS A 25 -17.08 8.36 -9.60
N LYS A 1 14.89 1.46 10.25
CA LYS A 1 15.31 1.72 8.88
C LYS A 1 15.76 0.41 8.24
N ASN A 2 16.28 -0.48 9.06
CA ASN A 2 16.74 -1.77 8.59
C ASN A 2 15.54 -2.66 8.25
N THR A 3 15.57 -3.21 7.05
CA THR A 3 14.49 -4.08 6.59
C THR A 3 13.13 -3.50 7.02
N ALA A 4 12.81 -2.36 6.45
CA ALA A 4 11.56 -1.70 6.75
C ALA A 4 10.66 -1.72 5.51
N GLY A 5 11.29 -1.64 4.35
CA GLY A 5 10.57 -1.66 3.09
C GLY A 5 9.82 -2.98 2.91
N GLU A 6 10.43 -4.04 3.41
CA GLU A 6 9.83 -5.36 3.31
C GLU A 6 8.42 -5.35 3.90
N MET A 7 8.16 -4.34 4.71
CA MET A 7 6.86 -4.21 5.34
C MET A 7 5.96 -3.23 4.57
N ALA A 8 6.21 -1.96 4.78
CA ALA A 8 5.45 -0.92 4.10
C ALA A 8 5.42 -1.20 2.60
N GLY A 9 6.42 -1.96 2.16
CA GLY A 9 6.53 -2.30 0.76
C GLY A 9 5.25 -2.99 0.26
N ALA A 10 4.60 -3.70 1.17
CA ALA A 10 3.37 -4.40 0.85
C ALA A 10 2.17 -3.51 1.20
N PHE A 11 2.44 -2.52 2.04
CA PHE A 11 1.40 -1.60 2.45
C PHE A 11 1.05 -0.61 1.34
N VAL A 12 2.09 -0.19 0.63
CA VAL A 12 1.91 0.75 -0.46
C VAL A 12 0.71 0.32 -1.31
N ALA A 13 0.59 -0.98 -1.48
CA ALA A 13 -0.51 -1.53 -2.26
C ALA A 13 -1.81 -1.39 -1.48
N VAL A 14 -1.80 -1.92 -0.26
CA VAL A 14 -2.96 -1.86 0.60
C VAL A 14 -3.48 -0.42 0.65
N PHE A 15 -2.59 0.51 0.34
CA PHE A 15 -2.93 1.92 0.35
C PHE A 15 -3.52 2.34 -1.00
N LEU A 16 -2.78 2.02 -2.05
CA LEU A 16 -3.22 2.36 -3.40
C LEU A 16 -4.52 1.61 -3.72
N LEU A 17 -4.49 0.31 -3.46
CA LEU A 17 -5.65 -0.52 -3.72
C LEU A 17 -6.84 0.03 -2.95
N ALA A 18 -6.55 0.67 -1.83
CA ALA A 18 -7.59 1.24 -0.99
C ALA A 18 -8.14 2.50 -1.67
N MET A 19 -7.25 3.26 -2.27
CA MET A 19 -7.64 4.48 -2.97
C MET A 19 -8.17 4.17 -4.37
N PHE A 20 -8.19 2.88 -4.69
CA PHE A 20 -8.67 2.44 -5.98
C PHE A 20 -10.17 2.14 -5.94
N TYR A 21 -10.63 1.83 -4.74
CA TYR A 21 -12.04 1.52 -4.54
C TYR A 21 -12.94 2.61 -5.14
N GLU A 22 -12.95 3.75 -4.46
CA GLU A 22 -13.76 4.87 -4.92
C GLU A 22 -13.00 6.18 -4.73
N GLY A 23 -11.70 6.04 -4.48
CA GLY A 23 -10.85 7.20 -4.29
C GLY A 23 -10.88 7.67 -2.83
N LEU A 24 -12.10 7.73 -2.29
CA LEU A 24 -12.28 8.16 -0.92
C LEU A 24 -11.32 7.39 -0.01
N LYS A 25 -11.23 6.09 -0.27
CA LYS A 25 -10.35 5.24 0.50
C LYS A 25 -8.93 5.33 -0.04
N LYS A 1 20.93 -7.08 5.16
CA LYS A 1 20.24 -7.74 6.26
C LYS A 1 19.24 -6.76 6.89
N ASN A 2 18.00 -6.88 6.47
CA ASN A 2 16.95 -6.02 6.98
C ASN A 2 15.62 -6.37 6.29
N THR A 3 14.61 -6.59 7.10
CA THR A 3 13.29 -6.94 6.59
C THR A 3 12.24 -5.96 7.12
N ALA A 4 12.42 -4.69 6.78
CA ALA A 4 11.50 -3.66 7.20
C ALA A 4 10.70 -3.16 6.00
N GLY A 5 11.33 -3.23 4.84
CA GLY A 5 10.69 -2.79 3.62
C GLY A 5 9.65 -3.80 3.13
N GLU A 6 9.53 -4.87 3.90
CA GLU A 6 8.58 -5.92 3.58
C GLU A 6 7.18 -5.54 4.05
N MET A 7 7.13 -4.52 4.89
CA MET A 7 5.86 -4.04 5.42
C MET A 7 5.35 -2.85 4.62
N ALA A 8 5.92 -1.69 4.91
CA ALA A 8 5.53 -0.47 4.22
C ALA A 8 5.62 -0.69 2.71
N GLY A 9 6.58 -1.53 2.33
CA GLY A 9 6.78 -1.83 0.92
C GLY A 9 5.55 -2.52 0.32
N ALA A 10 4.89 -3.30 1.15
CA ALA A 10 3.70 -4.02 0.72
C ALA A 10 2.47 -3.18 1.02
N PHE A 11 2.64 -2.24 1.93
CA PHE A 11 1.54 -1.36 2.31
C PHE A 11 1.26 -0.33 1.22
N VAL A 12 2.34 0.20 0.66
CA VAL A 12 2.22 1.19 -0.39
C VAL A 12 1.13 0.76 -1.38
N ALA A 13 1.07 -0.53 -1.61
CA ALA A 13 0.08 -1.08 -2.52
C ALA A 13 -1.31 -1.02 -1.87
N VAL A 14 -1.42 -1.69 -0.74
CA VAL A 14 -2.68 -1.72 0.00
C VAL A 14 -3.29 -0.31 -0.01
N PHE A 15 -2.42 0.68 -0.11
CA PHE A 15 -2.85 2.07 -0.12
C PHE A 15 -3.34 2.47 -1.51
N LEU A 16 -2.46 2.29 -2.49
CA LEU A 16 -2.79 2.64 -3.86
C LEU A 16 -3.98 1.79 -4.33
N LEU A 17 -3.94 0.51 -3.96
CA LEU A 17 -5.00 -0.41 -4.33
C LEU A 17 -6.26 -0.06 -3.54
N ALA A 18 -6.05 0.60 -2.40
CA ALA A 18 -7.15 0.99 -1.55
C ALA A 18 -7.90 2.16 -2.19
N MET A 19 -7.14 3.00 -2.88
CA MET A 19 -7.72 4.16 -3.53
C MET A 19 -8.81 3.74 -4.52
N PHE A 20 -8.70 2.52 -4.99
CA PHE A 20 -9.67 1.99 -5.94
C PHE A 20 -11.04 1.81 -5.28
N TYR A 21 -11.00 1.46 -4.00
CA TYR A 21 -12.22 1.25 -3.25
C TYR A 21 -13.30 2.27 -3.66
N GLU A 22 -13.03 3.53 -3.35
CA GLU A 22 -13.95 4.59 -3.67
C GLU A 22 -13.19 5.85 -4.12
N GLY A 23 -11.92 5.64 -4.42
CA GLY A 23 -11.07 6.75 -4.86
C GLY A 23 -10.91 6.75 -6.37
N LEU A 24 -12.03 6.60 -7.06
CA LEU A 24 -12.03 6.59 -8.51
C LEU A 24 -11.83 8.01 -9.04
N LYS A 25 -12.80 8.86 -8.72
CA LYS A 25 -12.73 10.24 -9.16
C LYS A 25 -11.58 10.96 -8.45
N LYS A 1 15.34 -4.01 14.29
CA LYS A 1 14.79 -3.36 13.13
C LYS A 1 15.59 -3.78 11.88
N ASN A 2 14.86 -4.08 10.82
CA ASN A 2 15.47 -4.50 9.58
C ASN A 2 14.40 -4.67 8.51
N THR A 3 14.83 -4.63 7.26
CA THR A 3 13.92 -4.79 6.15
C THR A 3 12.58 -4.11 6.44
N ALA A 4 12.64 -2.79 6.54
CA ALA A 4 11.45 -2.01 6.83
C ALA A 4 10.58 -1.93 5.57
N GLY A 5 11.25 -1.96 4.43
CA GLY A 5 10.56 -1.90 3.15
C GLY A 5 9.69 -3.13 2.94
N GLU A 6 10.13 -4.24 3.52
CA GLU A 6 9.40 -5.49 3.40
C GLU A 6 7.97 -5.33 3.92
N MET A 7 7.78 -4.25 4.68
CA MET A 7 6.46 -3.97 5.24
C MET A 7 5.75 -2.89 4.44
N ALA A 8 6.21 -1.66 4.62
CA ALA A 8 5.62 -0.53 3.91
C ALA A 8 5.62 -0.81 2.41
N GLY A 9 6.48 -1.74 2.01
CA GLY A 9 6.57 -2.11 0.61
C GLY A 9 5.32 -2.84 0.14
N ALA A 10 4.73 -3.58 1.07
CA ALA A 10 3.51 -4.33 0.77
C ALA A 10 2.30 -3.49 1.15
N PHE A 11 2.54 -2.52 2.01
CA PHE A 11 1.46 -1.64 2.46
C PHE A 11 1.09 -0.64 1.37
N VAL A 12 2.11 -0.14 0.68
CA VAL A 12 1.89 0.81 -0.39
C VAL A 12 0.71 0.37 -1.25
N ALA A 13 0.63 -0.94 -1.46
CA ALA A 13 -0.43 -1.52 -2.26
C ALA A 13 -1.75 -1.42 -1.48
N VAL A 14 -1.74 -2.00 -0.29
CA VAL A 14 -2.91 -1.99 0.56
C VAL A 14 -3.47 -0.57 0.64
N PHE A 15 -2.59 0.39 0.38
CA PHE A 15 -2.98 1.79 0.42
C PHE A 15 -3.54 2.24 -0.93
N LEU A 16 -2.78 1.97 -1.97
CA LEU A 16 -3.18 2.34 -3.31
C LEU A 16 -4.46 1.58 -3.68
N LEU A 17 -4.41 0.28 -3.46
CA LEU A 17 -5.55 -0.57 -3.77
C LEU A 17 -6.78 -0.08 -3.00
N ALA A 18 -6.51 0.54 -1.86
CA ALA A 18 -7.58 1.07 -1.03
C ALA A 18 -8.14 2.33 -1.67
N MET A 19 -7.24 3.11 -2.25
CA MET A 19 -7.65 4.35 -2.90
C MET A 19 -8.23 4.07 -4.30
N PHE A 20 -8.12 2.81 -4.71
CA PHE A 20 -8.63 2.41 -6.00
C PHE A 20 -10.14 2.13 -5.94
N TYR A 21 -10.60 1.84 -4.73
CA TYR A 21 -12.01 1.55 -4.52
C TYR A 21 -12.88 2.69 -5.05
N GLU A 22 -12.84 3.80 -4.34
CA GLU A 22 -13.62 4.97 -4.74
C GLU A 22 -12.82 6.26 -4.49
N GLY A 23 -11.53 6.07 -4.28
CA GLY A 23 -10.65 7.21 -4.04
C GLY A 23 -10.97 7.87 -2.70
N LEU A 24 -11.63 7.11 -1.85
CA LEU A 24 -12.01 7.62 -0.53
C LEU A 24 -11.41 6.70 0.55
N LYS A 25 -11.50 5.42 0.30
CA LYS A 25 -10.97 4.43 1.24
C LYS A 25 -10.72 3.11 0.51
N LYS A 1 20.88 -2.32 5.10
CA LYS A 1 19.73 -3.05 4.58
C LYS A 1 18.91 -3.58 5.76
N ASN A 2 17.75 -2.97 5.94
CA ASN A 2 16.86 -3.38 7.02
C ASN A 2 15.55 -3.90 6.43
N THR A 3 15.02 -4.94 7.06
CA THR A 3 13.78 -5.54 6.60
C THR A 3 12.60 -4.63 6.94
N ALA A 4 12.61 -3.44 6.34
CA ALA A 4 11.55 -2.48 6.58
C ALA A 4 10.87 -2.15 5.24
N GLY A 5 11.10 -3.02 4.27
CA GLY A 5 10.51 -2.84 2.95
C GLY A 5 9.31 -3.77 2.75
N GLU A 6 9.46 -4.99 3.23
CA GLU A 6 8.41 -5.99 3.11
C GLU A 6 7.10 -5.42 3.67
N MET A 7 7.24 -4.40 4.50
CA MET A 7 6.08 -3.77 5.11
C MET A 7 5.62 -2.55 4.30
N ALA A 8 6.31 -1.44 4.52
CA ALA A 8 5.99 -0.22 3.82
C ALA A 8 5.91 -0.50 2.31
N GLY A 9 6.58 -1.57 1.91
CA GLY A 9 6.61 -1.96 0.51
C GLY A 9 5.31 -2.68 0.13
N ALA A 10 4.76 -3.40 1.10
CA ALA A 10 3.53 -4.14 0.88
C ALA A 10 2.33 -3.26 1.27
N PHE A 11 2.61 -2.25 2.09
CA PHE A 11 1.58 -1.35 2.54
C PHE A 11 1.24 -0.32 1.45
N VAL A 12 2.27 0.14 0.76
CA VAL A 12 2.09 1.11 -0.30
C VAL A 12 0.92 0.69 -1.17
N ALA A 13 0.82 -0.62 -1.40
CA ALA A 13 -0.24 -1.17 -2.22
C ALA A 13 -1.54 -1.15 -1.43
N VAL A 14 -1.47 -1.69 -0.21
CA VAL A 14 -2.63 -1.75 0.65
C VAL A 14 -3.26 -0.35 0.75
N PHE A 15 -2.45 0.65 0.44
CA PHE A 15 -2.91 2.03 0.49
C PHE A 15 -3.52 2.45 -0.84
N LEU A 16 -2.78 2.20 -1.90
CA LEU A 16 -3.25 2.55 -3.24
C LEU A 16 -4.49 1.73 -3.57
N LEU A 17 -4.38 0.43 -3.37
CA LEU A 17 -5.49 -0.47 -3.64
C LEU A 17 -6.72 0.01 -2.86
N ALA A 18 -6.47 0.64 -1.73
CA ALA A 18 -7.54 1.15 -0.89
C ALA A 18 -8.15 2.38 -1.55
N MET A 19 -7.28 3.29 -1.95
CA MET A 19 -7.72 4.52 -2.60
C MET A 19 -8.21 4.24 -4.02
N PHE A 20 -8.10 2.99 -4.41
CA PHE A 20 -8.53 2.58 -5.75
C PHE A 20 -9.96 2.03 -5.73
N TYR A 21 -10.36 1.56 -4.56
CA TYR A 21 -11.69 1.01 -4.39
C TYR A 21 -12.72 1.81 -5.19
N GLU A 22 -12.91 3.05 -4.78
CA GLU A 22 -13.86 3.93 -5.46
C GLU A 22 -13.17 4.67 -6.59
N GLY A 23 -12.14 5.43 -6.23
CA GLY A 23 -11.40 6.20 -7.20
C GLY A 23 -12.33 6.87 -8.22
N LEU A 24 -13.55 7.12 -7.76
CA LEU A 24 -14.55 7.76 -8.61
C LEU A 24 -14.51 9.27 -8.39
N LYS A 25 -15.40 9.96 -9.10
CA LYS A 25 -15.48 11.40 -8.98
C LYS A 25 -15.35 11.81 -7.52
N LYS A 1 20.12 -5.80 4.84
CA LYS A 1 19.06 -4.82 4.67
C LYS A 1 17.85 -5.23 5.50
N ASN A 2 17.63 -4.49 6.58
CA ASN A 2 16.51 -4.77 7.46
C ASN A 2 15.25 -5.01 6.62
N THR A 3 14.59 -6.12 6.90
CA THR A 3 13.39 -6.48 6.18
C THR A 3 12.22 -5.60 6.64
N ALA A 4 12.31 -4.32 6.32
CA ALA A 4 11.28 -3.38 6.68
C ALA A 4 10.41 -3.06 5.46
N GLY A 5 11.06 -3.12 4.30
CA GLY A 5 10.37 -2.83 3.05
C GLY A 5 9.15 -3.76 2.88
N GLU A 6 9.28 -4.96 3.40
CA GLU A 6 8.22 -5.94 3.32
C GLU A 6 6.91 -5.34 3.83
N MET A 7 7.05 -4.28 4.62
CA MET A 7 5.90 -3.61 5.19
C MET A 7 5.46 -2.43 4.31
N ALA A 8 6.17 -1.32 4.49
CA ALA A 8 5.88 -0.12 3.74
C ALA A 8 5.81 -0.46 2.25
N GLY A 9 6.47 -1.56 1.89
CA GLY A 9 6.49 -2.01 0.51
C GLY A 9 5.18 -2.73 0.15
N ALA A 10 4.62 -3.40 1.13
CA ALA A 10 3.37 -4.13 0.94
C ALA A 10 2.20 -3.22 1.28
N PHE A 11 2.48 -2.19 2.08
CA PHE A 11 1.46 -1.25 2.50
C PHE A 11 1.15 -0.26 1.38
N VAL A 12 2.20 0.15 0.68
CA VAL A 12 2.05 1.09 -0.42
C VAL A 12 0.88 0.66 -1.30
N ALA A 13 0.76 -0.64 -1.47
CA ALA A 13 -0.31 -1.20 -2.29
C ALA A 13 -1.62 -1.13 -1.52
N VAL A 14 -1.58 -1.63 -0.30
CA VAL A 14 -2.76 -1.64 0.56
C VAL A 14 -3.34 -0.24 0.61
N PHE A 15 -2.51 0.74 0.28
CA PHE A 15 -2.94 2.13 0.29
C PHE A 15 -3.54 2.52 -1.07
N LEU A 16 -2.78 2.24 -2.12
CA LEU A 16 -3.23 2.56 -3.46
C LEU A 16 -4.49 1.76 -3.78
N LEU A 17 -4.41 0.46 -3.53
CA LEU A 17 -5.53 -0.42 -3.78
C LEU A 17 -6.77 0.09 -3.02
N ALA A 18 -6.50 0.75 -1.91
CA ALA A 18 -7.56 1.30 -1.08
C ALA A 18 -8.13 2.55 -1.76
N MET A 19 -7.23 3.33 -2.34
CA MET A 19 -7.63 4.55 -3.03
C MET A 19 -8.08 4.26 -4.46
N PHE A 20 -8.03 2.98 -4.82
CA PHE A 20 -8.43 2.55 -6.14
C PHE A 20 -9.89 2.10 -6.16
N TYR A 21 -10.19 1.19 -5.25
CA TYR A 21 -11.54 0.65 -5.15
C TYR A 21 -12.52 1.73 -4.65
N GLU A 22 -12.04 2.50 -3.69
CA GLU A 22 -12.86 3.56 -3.12
C GLU A 22 -13.62 4.29 -4.22
N GLY A 23 -13.03 4.29 -5.41
CA GLY A 23 -13.64 4.95 -6.54
C GLY A 23 -14.52 3.99 -7.34
N LEU A 24 -15.20 3.12 -6.60
CA LEU A 24 -16.08 2.15 -7.21
C LEU A 24 -17.49 2.71 -7.30
N LYS A 25 -17.58 3.90 -7.87
CA LYS A 25 -18.86 4.57 -8.02
C LYS A 25 -18.67 5.89 -8.76
N LYS A 1 16.49 1.95 8.29
CA LYS A 1 15.16 1.35 8.21
C LYS A 1 15.22 -0.09 8.72
N ASN A 2 16.36 -0.73 8.46
CA ASN A 2 16.55 -2.10 8.88
C ASN A 2 15.28 -2.92 8.58
N THR A 3 15.26 -3.50 7.39
CA THR A 3 14.13 -4.30 6.97
C THR A 3 12.83 -3.66 7.43
N ALA A 4 12.57 -2.47 6.89
CA ALA A 4 11.36 -1.74 7.23
C ALA A 4 10.43 -1.68 6.02
N GLY A 5 11.05 -1.66 4.85
CA GLY A 5 10.29 -1.61 3.61
C GLY A 5 9.59 -2.93 3.34
N GLU A 6 10.16 -3.99 3.89
CA GLU A 6 9.58 -5.31 3.72
C GLU A 6 8.14 -5.34 4.22
N MET A 7 7.81 -4.33 5.01
CA MET A 7 6.46 -4.22 5.56
C MET A 7 5.64 -3.17 4.80
N ALA A 8 6.03 -1.93 5.00
CA ALA A 8 5.35 -0.82 4.33
C ALA A 8 5.41 -1.03 2.82
N GLY A 9 6.31 -1.88 2.41
CA GLY A 9 6.48 -2.17 0.99
C GLY A 9 5.22 -2.82 0.42
N ALA A 10 4.51 -3.55 1.28
CA ALA A 10 3.29 -4.22 0.87
C ALA A 10 2.10 -3.28 1.09
N PHE A 11 2.33 -2.28 1.93
CA PHE A 11 1.29 -1.31 2.23
C PHE A 11 1.05 -0.37 1.05
N VAL A 12 2.15 0.11 0.49
CA VAL A 12 2.07 1.02 -0.65
C VAL A 12 0.97 0.55 -1.60
N ALA A 13 0.94 -0.75 -1.82
CA ALA A 13 -0.06 -1.34 -2.70
C ALA A 13 -1.41 -1.33 -2.01
N VAL A 14 -1.46 -1.95 -0.85
CA VAL A 14 -2.68 -2.02 -0.06
C VAL A 14 -3.34 -0.63 -0.04
N PHE A 15 -2.51 0.39 -0.20
CA PHE A 15 -2.99 1.75 -0.20
C PHE A 15 -3.51 2.16 -1.58
N LEU A 16 -2.68 1.91 -2.59
CA LEU A 16 -3.04 2.24 -3.95
C LEU A 16 -4.23 1.38 -4.38
N LEU A 17 -4.19 0.12 -3.98
CA LEU A 17 -5.27 -0.81 -4.32
C LEU A 17 -6.51 -0.46 -3.51
N ALA A 18 -6.28 0.20 -2.38
CA ALA A 18 -7.36 0.60 -1.51
C ALA A 18 -7.95 1.93 -2.00
N MET A 19 -7.18 2.61 -2.83
CA MET A 19 -7.61 3.89 -3.37
C MET A 19 -8.71 3.69 -4.41
N PHE A 20 -8.62 2.58 -5.12
CA PHE A 20 -9.61 2.26 -6.15
C PHE A 20 -11.03 2.42 -5.61
N TYR A 21 -11.28 1.76 -4.49
CA TYR A 21 -12.59 1.82 -3.86
C TYR A 21 -13.10 3.26 -3.78
N GLU A 22 -12.31 4.09 -3.11
CA GLU A 22 -12.67 5.49 -2.95
C GLU A 22 -12.15 6.31 -4.13
N GLY A 23 -11.78 5.60 -5.18
CA GLY A 23 -11.25 6.24 -6.38
C GLY A 23 -12.31 6.27 -7.48
N LEU A 24 -13.02 5.16 -7.61
CA LEU A 24 -14.05 5.04 -8.63
C LEU A 24 -14.88 6.32 -8.65
N LYS A 25 -15.61 6.52 -7.56
CA LYS A 25 -16.47 7.71 -7.44
C LYS A 25 -15.83 8.68 -6.45
N LYS A 1 21.40 -5.81 5.55
CA LYS A 1 20.59 -6.53 6.50
C LYS A 1 19.50 -5.61 7.05
N ASN A 2 18.31 -5.78 6.50
CA ASN A 2 17.17 -4.97 6.92
C ASN A 2 15.96 -5.32 6.06
N THR A 3 15.03 -6.06 6.67
CA THR A 3 13.83 -6.46 5.98
C THR A 3 12.61 -5.69 6.52
N ALA A 4 12.56 -4.42 6.17
CA ALA A 4 11.46 -3.57 6.61
C ALA A 4 10.58 -3.22 5.40
N GLY A 5 11.23 -3.12 4.25
CA GLY A 5 10.52 -2.79 3.02
C GLY A 5 9.33 -3.72 2.81
N GLU A 6 9.49 -4.95 3.27
CA GLU A 6 8.45 -5.95 3.13
C GLU A 6 7.12 -5.40 3.68
N MET A 7 7.24 -4.39 4.53
CA MET A 7 6.07 -3.78 5.13
C MET A 7 5.61 -2.57 4.32
N ALA A 8 6.29 -1.45 4.56
CA ALA A 8 5.96 -0.22 3.86
C ALA A 8 5.90 -0.49 2.35
N GLY A 9 6.58 -1.55 1.95
CA GLY A 9 6.61 -1.92 0.54
C GLY A 9 5.32 -2.66 0.14
N ALA A 10 4.77 -3.39 1.10
CA ALA A 10 3.55 -4.13 0.86
C ALA A 10 2.35 -3.27 1.25
N PHE A 11 2.62 -2.28 2.09
CA PHE A 11 1.57 -1.38 2.54
C PHE A 11 1.24 -0.34 1.47
N VAL A 12 2.28 0.13 0.80
CA VAL A 12 2.11 1.12 -0.25
C VAL A 12 0.95 0.70 -1.16
N ALA A 13 0.86 -0.59 -1.40
CA ALA A 13 -0.19 -1.14 -2.25
C ALA A 13 -1.50 -1.14 -1.47
N VAL A 14 -1.45 -1.71 -0.27
CA VAL A 14 -2.63 -1.78 0.58
C VAL A 14 -3.27 -0.39 0.68
N PHE A 15 -2.45 0.62 0.41
CA PHE A 15 -2.93 1.99 0.47
C PHE A 15 -3.51 2.43 -0.87
N LEU A 16 -2.73 2.20 -1.92
CA LEU A 16 -3.15 2.56 -3.26
C LEU A 16 -4.39 1.74 -3.65
N LEU A 17 -4.31 0.45 -3.37
CA LEU A 17 -5.41 -0.45 -3.68
C LEU A 17 -6.64 -0.02 -2.89
N ALA A 18 -6.40 0.61 -1.76
CA ALA A 18 -7.49 1.07 -0.91
C ALA A 18 -8.15 2.29 -1.56
N MET A 19 -7.31 3.14 -2.15
CA MET A 19 -7.80 4.34 -2.80
C MET A 19 -8.30 4.03 -4.21
N PHE A 20 -8.20 2.76 -4.57
CA PHE A 20 -8.64 2.32 -5.89
C PHE A 20 -10.10 1.88 -5.86
N TYR A 21 -10.55 1.49 -4.67
CA TYR A 21 -11.92 1.06 -4.49
C TYR A 21 -12.90 2.06 -5.09
N GLU A 22 -12.86 3.27 -4.55
CA GLU A 22 -13.74 4.34 -5.02
C GLU A 22 -13.05 5.15 -6.11
N GLY A 23 -11.72 5.19 -6.03
CA GLY A 23 -10.95 5.93 -7.01
C GLY A 23 -11.48 5.69 -8.42
N LEU A 24 -11.57 4.42 -8.79
CA LEU A 24 -12.06 4.04 -10.10
C LEU A 24 -13.24 4.95 -10.48
N LYS A 25 -14.09 5.18 -9.49
CA LYS A 25 -15.26 6.01 -9.70
C LYS A 25 -15.31 7.09 -8.62
N LYS A 1 21.07 -1.05 9.64
CA LYS A 1 19.91 -1.90 9.88
C LYS A 1 18.65 -1.17 9.44
N ASN A 2 18.59 -0.88 8.14
CA ASN A 2 17.44 -0.18 7.58
C ASN A 2 16.69 -1.13 6.64
N THR A 3 15.68 -1.79 7.20
CA THR A 3 14.87 -2.72 6.43
C THR A 3 13.43 -2.73 6.95
N ALA A 4 12.80 -1.57 6.84
CA ALA A 4 11.42 -1.43 7.29
C ALA A 4 10.48 -1.52 6.07
N GLY A 5 11.03 -1.16 4.93
CA GLY A 5 10.25 -1.19 3.70
C GLY A 5 9.73 -2.59 3.40
N GLU A 6 10.47 -3.58 3.91
CA GLU A 6 10.10 -4.96 3.72
C GLU A 6 8.64 -5.19 4.12
N MET A 7 8.14 -4.27 4.94
CA MET A 7 6.77 -4.36 5.42
C MET A 7 5.87 -3.39 4.66
N ALA A 8 6.09 -2.11 4.91
CA ALA A 8 5.31 -1.06 4.26
C ALA A 8 5.34 -1.29 2.75
N GLY A 9 6.36 -2.01 2.31
CA GLY A 9 6.52 -2.30 0.89
C GLY A 9 5.27 -2.99 0.33
N ALA A 10 4.59 -3.71 1.21
CA ALA A 10 3.39 -4.42 0.82
C ALA A 10 2.16 -3.56 1.11
N PHE A 11 2.38 -2.56 1.96
CA PHE A 11 1.30 -1.64 2.32
C PHE A 11 1.03 -0.64 1.21
N VAL A 12 2.12 -0.20 0.58
CA VAL A 12 2.02 0.76 -0.51
C VAL A 12 0.87 0.35 -1.45
N ALA A 13 0.78 -0.96 -1.67
CA ALA A 13 -0.25 -1.49 -2.54
C ALA A 13 -1.60 -1.40 -1.83
N VAL A 14 -1.67 -2.02 -0.66
CA VAL A 14 -2.90 -2.02 0.12
C VAL A 14 -3.51 -0.62 0.09
N PHE A 15 -2.65 0.38 -0.09
CA PHE A 15 -3.09 1.75 -0.14
C PHE A 15 -3.60 2.12 -1.54
N LEU A 16 -2.73 1.92 -2.52
CA LEU A 16 -3.08 2.24 -3.90
C LEU A 16 -4.29 1.40 -4.30
N LEU A 17 -4.28 0.14 -3.88
CA LEU A 17 -5.37 -0.77 -4.18
C LEU A 17 -6.60 -0.37 -3.39
N ALA A 18 -6.37 0.32 -2.28
CA ALA A 18 -7.44 0.78 -1.43
C ALA A 18 -8.00 2.09 -1.96
N MET A 19 -7.22 2.73 -2.81
CA MET A 19 -7.61 4.00 -3.40
C MET A 19 -8.72 3.79 -4.43
N PHE A 20 -8.65 2.66 -5.11
CA PHE A 20 -9.64 2.34 -6.13
C PHE A 20 -11.06 2.53 -5.59
N TYR A 21 -11.34 1.85 -4.49
CA TYR A 21 -12.65 1.94 -3.87
C TYR A 21 -13.18 3.37 -3.91
N GLU A 22 -12.31 4.30 -3.55
CA GLU A 22 -12.67 5.70 -3.54
C GLU A 22 -13.06 6.16 -4.95
N GLY A 23 -12.24 5.77 -5.91
CA GLY A 23 -12.47 6.13 -7.30
C GLY A 23 -13.96 6.01 -7.64
N LEU A 24 -14.51 4.84 -7.38
CA LEU A 24 -15.91 4.59 -7.66
C LEU A 24 -16.74 5.81 -7.27
N LYS A 25 -16.30 6.46 -6.20
CA LYS A 25 -16.98 7.65 -5.71
C LYS A 25 -17.32 8.56 -6.89
#